data_5F8I
#
_entry.id   5F8I
#
_cell.length_a   63.669
_cell.length_b   77.310
_cell.length_c   149.656
_cell.angle_alpha   90.000
_cell.angle_beta   90.000
_cell.angle_gamma   90.000
#
_symmetry.space_group_name_H-M   'P 21 21 21'
#
loop_
_entity.id
_entity.type
_entity.pdbx_description
1 polymer 'Genome polyprotein'
2 polymer 'RNA (35-MER)'
3 polymer "RNA (5'-R(*UP*GP*UP*UP*CP*GP*AP*CP*GP*AP*GP*AP*GP*AP*GP*A)-3')"
4 non-polymer "CYTIDINE-5'-TRIPHOSPHATE"
5 non-polymer 'ZINC ION'
6 non-polymer 'SULFATE ION'
7 non-polymer 'MAGNESIUM ION'
8 non-polymer GLYCEROL
9 water water
#
loop_
_entity_poly.entity_id
_entity_poly.type
_entity_poly.pdbx_seq_one_letter_code
_entity_poly.pdbx_strand_id
1 'polypeptide(L)'
;GEIQWVKPNKETGRLNINGPTRTKLEPSVFHDVFEGNKEPAVLHSKDPRLEVDFEQALFSKYVGNTLYEPDEYIKEAALH
YANQLKQLDIDTSQMSMEEACYGTENLEAIDLHTSAGYPYSALGIKKRDILDSTTRDVSKMKFYMDKYGLDLPYSTYVKD
ELRSIDKIKKGKSRLIEASSLNDSVYLRMTFGHLYETFHANPGTVTGSAVGCNPDTFWSKLPILLPGSLFAFDYSGYDAS
LSPVWFRALELVLREIGYSEEAVSLVEGINHTHHVYRNKTYCVLGGMPSGCSGTSIFNSMINNIIIRALLIKTFKGIDLD
ELNMVAYGDDVLASYPFPIDCLELARTGKEYGLTMTPADKSPCFNEVNWDNATFLKRGFLPDEQFPFLIHPTMPMKEIHE
SIRWTKDARNTQDHVRSLCLLAWHNGKQEYEKFVSAIRSVPVGKALAIPNYENLRRNWLELFHHHHHH
;
A
2 'polyribonucleotide' GGGAGAUGAAAGUCUCCAGGUCUCUCUCGUCGAAA B
3 'polyribonucleotide' UGUUCGACGAGAGAGA C
#
# COMPACT_ATOMS: atom_id res chain seq x y z
N GLY A 1 8.17 14.58 2.08
CA GLY A 1 7.58 15.33 1.00
C GLY A 1 7.05 16.71 1.39
N GLU A 2 7.00 17.59 0.40
CA GLU A 2 6.70 19.00 0.62
C GLU A 2 6.17 19.66 -0.63
N ILE A 3 5.09 20.45 -0.48
CA ILE A 3 4.50 21.15 -1.63
C ILE A 3 5.35 22.37 -1.97
N GLN A 4 5.91 22.37 -3.17
CA GLN A 4 6.85 23.39 -3.59
C GLN A 4 6.16 24.67 -4.02
N TRP A 5 5.09 24.54 -4.80
CA TRP A 5 4.27 25.70 -5.16
C TRP A 5 2.86 25.29 -5.54
N VAL A 6 1.96 26.26 -5.55
CA VAL A 6 0.59 26.05 -6.00
C VAL A 6 0.20 27.17 -6.95
N LYS A 7 -0.31 26.80 -8.12
CA LYS A 7 -0.75 27.76 -9.14
C LYS A 7 -2.14 27.41 -9.67
N PRO A 8 -2.95 28.42 -10.01
CA PRO A 8 -4.27 28.13 -10.61
C PRO A 8 -4.11 27.48 -11.98
N ASN A 9 -5.11 26.74 -12.44
CA ASN A 9 -4.97 26.04 -13.70
C ASN A 9 -4.96 26.97 -14.91
N LYS A 10 -5.57 28.16 -14.79
CA LYS A 10 -5.42 29.15 -15.83
C LYS A 10 -3.93 29.40 -16.06
N GLU A 11 -3.20 29.62 -14.97
CA GLU A 11 -1.77 29.90 -15.05
C GLU A 11 -0.89 28.72 -15.56
N THR A 12 -1.22 27.46 -15.22
CA THR A 12 -0.46 26.31 -15.76
C THR A 12 -1.04 25.71 -17.03
N GLY A 13 -2.30 26.05 -17.33
CA GLY A 13 -2.96 25.52 -18.51
C GLY A 13 -3.33 24.05 -18.35
N ARG A 14 -3.58 23.65 -17.11
CA ARG A 14 -3.97 22.28 -16.84
C ARG A 14 -5.50 22.22 -16.75
N LEU A 15 -6.09 21.19 -17.36
CA LEU A 15 -7.53 20.97 -17.27
C LEU A 15 -7.92 20.63 -15.85
N ASN A 16 -9.00 21.25 -15.36
CA ASN A 16 -9.50 20.94 -14.04
C ASN A 16 -9.77 19.45 -13.85
N ILE A 17 -9.58 18.97 -12.63
CA ILE A 17 -9.91 17.60 -12.28
C ILE A 17 -10.75 17.60 -11.02
N ASN A 18 -12.05 17.38 -11.20
CA ASN A 18 -12.97 17.23 -10.08
C ASN A 18 -13.41 15.78 -9.93
N GLY A 19 -13.45 15.31 -8.69
CA GLY A 19 -13.95 13.99 -8.43
C GLY A 19 -15.28 14.12 -7.70
N PRO A 20 -15.92 12.99 -7.43
CA PRO A 20 -17.18 12.93 -6.68
C PRO A 20 -17.02 13.50 -5.28
N THR A 21 -18.10 14.01 -4.70
CA THR A 21 -18.05 14.59 -3.37
C THR A 21 -19.09 13.96 -2.45
N ARG A 22 -19.83 12.99 -2.97
CA ARG A 22 -20.78 12.22 -2.17
C ARG A 22 -20.32 10.77 -2.10
N THR A 23 -20.35 10.19 -0.91
CA THR A 23 -19.88 8.80 -0.73
C THR A 23 -20.85 7.81 -1.35
N LYS A 24 -20.33 6.74 -1.96
CA LYS A 24 -21.22 5.68 -2.47
C LYS A 24 -21.53 4.68 -1.37
N LEU A 25 -21.00 4.94 -0.17
CA LEU A 25 -21.23 4.07 0.96
C LEU A 25 -22.55 4.40 1.67
N GLU A 26 -23.41 3.39 1.81
CA GLU A 26 -24.63 3.49 2.59
C GLU A 26 -24.66 2.40 3.65
N PRO A 27 -25.36 2.66 4.77
CA PRO A 27 -25.49 1.64 5.83
C PRO A 27 -26.11 0.35 5.28
N SER A 28 -25.58 -0.81 5.66
CA SER A 28 -26.12 -2.07 5.18
C SER A 28 -27.22 -2.56 6.10
N VAL A 29 -27.84 -3.68 5.76
CA VAL A 29 -28.87 -4.25 6.63
C VAL A 29 -28.27 -4.76 7.95
N PHE A 30 -26.95 -4.75 8.08
CA PHE A 30 -26.36 -5.24 9.30
C PHE A 30 -25.84 -4.11 10.17
N HIS A 31 -26.09 -2.88 9.75
CA HIS A 31 -25.56 -1.71 10.45
C HIS A 31 -25.85 -1.71 11.96
N ASP A 32 -27.07 -2.10 12.34
CA ASP A 32 -27.49 -2.08 13.74
C ASP A 32 -27.33 -3.43 14.46
N VAL A 33 -26.82 -4.42 13.73
CA VAL A 33 -26.57 -5.76 14.29
C VAL A 33 -25.15 -5.87 14.91
N PHE A 34 -24.21 -5.11 14.34
CA PHE A 34 -22.85 -5.10 14.82
C PHE A 34 -22.44 -3.68 15.25
N GLU A 35 -21.67 -3.58 16.31
CA GLU A 35 -21.11 -2.30 16.71
C GLU A 35 -19.86 -1.91 15.90
N GLY A 36 -19.73 -0.62 15.63
CA GLY A 36 -18.62 -0.07 14.86
C GLY A 36 -18.50 1.44 14.99
N ASN A 37 -17.32 1.97 14.72
CA ASN A 37 -17.08 3.39 14.97
C ASN A 37 -16.59 4.16 13.73
N LYS A 38 -16.62 3.53 12.57
CA LYS A 38 -16.22 4.19 11.34
C LYS A 38 -17.41 4.69 10.53
N GLU A 39 -17.17 5.69 9.70
CA GLU A 39 -18.16 6.21 8.76
C GLU A 39 -17.42 6.59 7.48
N PRO A 40 -18.18 6.89 6.40
CA PRO A 40 -17.60 7.43 5.15
C PRO A 40 -16.69 8.64 5.41
N ALA A 41 -15.56 8.67 4.72
CA ALA A 41 -14.60 9.75 4.91
C ALA A 41 -15.18 11.04 4.36
N VAL A 42 -14.79 12.16 4.96
CA VAL A 42 -15.14 13.48 4.41
C VAL A 42 -14.66 13.62 2.96
N LEU A 43 -15.60 13.85 2.06
CA LEU A 43 -15.33 13.94 0.61
C LEU A 43 -15.46 15.37 0.12
N HIS A 44 -16.19 16.17 0.90
CA HIS A 44 -16.59 17.52 0.54
C HIS A 44 -16.21 18.49 1.65
N SER A 45 -15.86 19.73 1.30
CA SER A 45 -15.39 20.71 2.27
C SER A 45 -16.49 21.22 3.23
N LYS A 46 -17.74 21.08 2.84
CA LYS A 46 -18.83 21.56 3.68
C LYS A 46 -19.51 20.41 4.42
N ASP A 47 -18.77 19.33 4.65
CA ASP A 47 -19.29 18.20 5.42
C ASP A 47 -19.55 18.58 6.88
N PRO A 48 -20.83 18.60 7.29
CA PRO A 48 -21.30 18.96 8.64
C PRO A 48 -20.50 18.29 9.76
N ARG A 49 -19.85 17.18 9.45
CA ARG A 49 -19.10 16.42 10.47
C ARG A 49 -17.71 16.99 10.70
N LEU A 50 -17.30 17.93 9.85
CA LEU A 50 -15.98 18.56 9.98
C LEU A 50 -15.79 19.39 11.26
N GLU A 51 -14.55 19.52 11.68
CA GLU A 51 -14.20 20.28 12.87
C GLU A 51 -12.96 21.11 12.58
N VAL A 52 -12.45 20.95 11.36
CA VAL A 52 -11.30 21.71 10.90
C VAL A 52 -11.51 22.07 9.45
N ASP A 53 -10.67 22.97 8.92
CA ASP A 53 -10.67 23.23 7.49
C ASP A 53 -10.28 21.94 6.76
N PHE A 54 -11.07 21.57 5.76
CA PHE A 54 -10.82 20.35 5.02
C PHE A 54 -9.45 20.36 4.36
N GLU A 55 -9.29 21.23 3.37
CA GLU A 55 -8.12 21.19 2.51
C GLU A 55 -6.80 21.26 3.26
N GLN A 56 -6.75 22.07 4.31
CA GLN A 56 -5.53 22.17 5.10
C GLN A 56 -5.28 20.84 5.83
N ALA A 57 -6.35 20.17 6.23
CA ALA A 57 -6.23 18.85 6.85
C ALA A 57 -5.73 17.82 5.83
N LEU A 58 -6.34 17.82 4.64
CA LEU A 58 -5.95 16.91 3.55
C LEU A 58 -4.48 16.96 3.19
N PHE A 59 -3.90 18.16 3.16
CA PHE A 59 -2.54 18.31 2.68
C PHE A 59 -1.50 18.47 3.77
N SER A 60 -1.92 18.39 5.03
CA SER A 60 -0.97 18.52 6.14
C SER A 60 0.02 17.37 6.19
N LYS A 61 -0.24 16.32 5.41
CA LYS A 61 0.60 15.12 5.40
C LYS A 61 1.96 15.38 4.75
N TYR A 62 2.09 16.46 4.01
CA TYR A 62 3.40 16.81 3.47
C TYR A 62 4.19 17.58 4.52
N VAL A 63 4.78 16.83 5.43
CA VAL A 63 5.39 17.40 6.63
C VAL A 63 6.69 18.13 6.35
N GLY A 64 7.17 18.07 5.12
CA GLY A 64 8.43 18.68 4.77
C GLY A 64 9.57 17.69 4.50
N ASN A 65 10.70 18.23 4.05
CA ASN A 65 11.86 17.42 3.72
C ASN A 65 13.03 17.69 4.65
N THR A 66 13.67 16.64 5.13
CA THR A 66 14.91 16.83 5.83
C THR A 66 16.02 16.53 4.83
N LEU A 67 16.50 15.30 4.78
CA LEU A 67 17.65 14.98 3.94
C LEU A 67 17.36 14.90 2.44
N TYR A 68 18.27 15.43 1.63
CA TYR A 68 18.13 15.40 0.17
C TYR A 68 19.17 14.46 -0.44
N GLU A 69 20.34 14.38 0.19
CA GLU A 69 21.38 13.49 -0.33
C GLU A 69 21.64 12.36 0.67
N PRO A 70 22.03 11.18 0.15
CA PRO A 70 22.32 10.08 1.07
C PRO A 70 23.53 10.33 1.95
N ASP A 71 23.37 10.17 3.25
CA ASP A 71 24.51 10.15 4.15
C ASP A 71 25.18 8.78 4.00
N GLU A 72 26.03 8.42 4.94
CA GLU A 72 26.80 7.21 4.73
C GLU A 72 26.09 5.98 5.29
N TYR A 73 25.13 6.22 6.17
CA TYR A 73 24.36 5.10 6.69
C TYR A 73 23.39 4.61 5.64
N ILE A 74 22.79 5.56 4.93
CA ILE A 74 21.79 5.30 3.92
C ILE A 74 22.43 4.62 2.71
N LYS A 75 23.61 5.11 2.34
CA LYS A 75 24.42 4.47 1.29
C LYS A 75 24.68 3.01 1.61
N GLU A 76 25.31 2.77 2.76
CA GLU A 76 25.61 1.40 3.21
C GLU A 76 24.36 0.52 3.24
N ALA A 77 23.27 1.08 3.72
CA ALA A 77 21.97 0.44 3.76
C ALA A 77 21.49 0.03 2.35
N ALA A 78 21.57 0.95 1.39
CA ALA A 78 21.14 0.70 0.03
C ALA A 78 21.89 -0.48 -0.59
N LEU A 79 23.19 -0.49 -0.35
CA LEU A 79 24.09 -1.46 -0.94
C LEU A 79 23.85 -2.83 -0.35
N HIS A 80 23.67 -2.89 0.97
CA HIS A 80 23.40 -4.18 1.59
C HIS A 80 22.12 -4.77 0.99
N TYR A 81 21.11 -3.92 0.81
CA TYR A 81 19.84 -4.35 0.27
C TYR A 81 20.02 -4.79 -1.18
N ALA A 82 20.79 -4.03 -1.95
CA ALA A 82 20.95 -4.32 -3.37
C ALA A 82 21.76 -5.58 -3.58
N ASN A 83 22.76 -5.81 -2.74
CA ASN A 83 23.53 -7.05 -2.84
C ASN A 83 22.63 -8.22 -2.57
N GLN A 84 21.75 -8.06 -1.60
CA GLN A 84 20.77 -9.10 -1.28
C GLN A 84 19.90 -9.40 -2.49
N LEU A 85 19.44 -8.36 -3.20
CA LEU A 85 18.56 -8.56 -4.35
C LEU A 85 19.23 -9.29 -5.51
N LYS A 86 20.55 -9.24 -5.58
CA LYS A 86 21.27 -9.75 -6.74
C LYS A 86 21.04 -11.25 -6.99
N GLN A 87 20.98 -12.03 -5.91
CA GLN A 87 20.70 -13.46 -6.04
C GLN A 87 19.39 -13.76 -6.73
N LEU A 88 18.51 -12.77 -6.84
CA LEU A 88 17.23 -12.95 -7.52
C LEU A 88 17.39 -12.83 -9.03
N ASP A 89 18.51 -12.28 -9.46
CA ASP A 89 18.80 -12.04 -10.88
C ASP A 89 17.66 -11.40 -11.65
N ILE A 90 17.20 -10.25 -11.16
CA ILE A 90 16.17 -9.48 -11.83
C ILE A 90 16.62 -9.12 -13.24
N ASP A 91 15.75 -9.31 -14.21
CA ASP A 91 16.03 -9.00 -15.59
C ASP A 91 15.83 -7.50 -15.80
N THR A 92 16.92 -6.75 -15.87
CA THR A 92 16.80 -5.29 -15.94
C THR A 92 16.41 -4.79 -17.33
N SER A 93 16.21 -5.71 -18.26
CA SER A 93 15.85 -5.36 -19.63
C SER A 93 14.44 -4.82 -19.69
N GLN A 94 14.21 -3.94 -20.64
CA GLN A 94 12.90 -3.35 -20.82
C GLN A 94 11.84 -4.38 -21.20
N MET A 95 10.71 -4.33 -20.52
CA MET A 95 9.54 -5.15 -20.84
C MET A 95 8.87 -4.58 -22.09
N SER A 96 8.35 -5.45 -22.97
CA SER A 96 7.65 -5.01 -24.19
C SER A 96 6.36 -4.30 -23.83
N MET A 97 5.91 -3.37 -24.68
CA MET A 97 4.72 -2.60 -24.36
C MET A 97 3.50 -3.49 -24.31
N GLU A 98 3.52 -4.57 -25.06
CA GLU A 98 2.40 -5.49 -25.05
C GLU A 98 2.30 -6.19 -23.69
N GLU A 99 3.44 -6.68 -23.21
CA GLU A 99 3.48 -7.32 -21.89
C GLU A 99 3.15 -6.32 -20.77
N ALA A 100 3.70 -5.12 -20.88
CA ALA A 100 3.43 -4.06 -19.91
C ALA A 100 1.94 -3.72 -19.86
N CYS A 101 1.32 -3.59 -21.03
CA CYS A 101 -0.10 -3.22 -21.09
C CYS A 101 -1.01 -4.37 -20.71
N TYR A 102 -0.69 -5.55 -21.22
CA TYR A 102 -1.64 -6.66 -21.17
C TYR A 102 -1.25 -7.76 -20.20
N GLY A 103 -0.08 -7.61 -19.59
CA GLY A 103 0.26 -8.47 -18.47
C GLY A 103 1.03 -9.73 -18.79
N THR A 104 1.45 -10.42 -17.72
CA THR A 104 2.18 -11.65 -17.81
C THR A 104 1.67 -12.58 -16.72
N GLU A 105 2.34 -13.72 -16.57
CA GLU A 105 2.06 -14.65 -15.48
C GLU A 105 2.31 -14.02 -14.10
N ASN A 106 3.28 -13.10 -14.00
CA ASN A 106 3.59 -12.50 -12.70
C ASN A 106 3.31 -11.02 -12.64
N LEU A 107 2.56 -10.52 -13.61
CA LEU A 107 2.11 -9.13 -13.55
C LEU A 107 0.74 -9.00 -14.19
N GLU A 108 -0.23 -8.56 -13.41
CA GLU A 108 -1.56 -8.38 -13.92
C GLU A 108 -1.56 -7.29 -14.95
N ALA A 109 -2.53 -7.34 -15.86
CA ALA A 109 -2.63 -6.35 -16.91
C ALA A 109 -3.03 -5.05 -16.29
N ILE A 110 -2.70 -3.95 -16.94
CA ILE A 110 -3.24 -2.65 -16.56
C ILE A 110 -4.76 -2.74 -16.39
N ASP A 111 -5.28 -2.14 -15.32
CA ASP A 111 -6.68 -2.23 -14.96
C ASP A 111 -7.53 -1.40 -15.92
N LEU A 112 -8.40 -2.07 -16.68
CA LEU A 112 -9.22 -1.39 -17.68
C LEU A 112 -10.56 -0.90 -17.11
N HIS A 113 -10.82 -1.24 -15.85
CA HIS A 113 -12.02 -0.80 -15.12
C HIS A 113 -11.76 0.50 -14.35
N THR A 114 -10.55 1.01 -14.51
CA THR A 114 -10.07 2.13 -13.73
C THR A 114 -9.74 3.30 -14.66
N SER A 115 -9.79 4.54 -14.13
CA SER A 115 -9.53 5.75 -14.91
C SER A 115 -8.24 5.70 -15.72
N ALA A 116 -8.14 6.58 -16.72
CA ALA A 116 -6.96 6.64 -17.57
C ALA A 116 -6.08 7.82 -17.19
N GLY A 117 -6.62 8.67 -16.32
CA GLY A 117 -5.86 9.78 -15.77
C GLY A 117 -5.72 10.95 -16.72
N TYR A 118 -4.82 11.87 -16.39
CA TYR A 118 -4.59 13.07 -17.20
C TYR A 118 -3.97 12.70 -18.55
N PRO A 119 -4.46 13.32 -19.65
CA PRO A 119 -5.59 14.25 -19.74
C PRO A 119 -6.89 13.56 -20.16
N TYR A 120 -6.81 12.29 -20.54
CA TYR A 120 -7.95 11.48 -21.01
C TYR A 120 -9.22 11.64 -20.16
N SER A 121 -9.08 11.52 -18.85
CA SER A 121 -10.20 11.62 -17.94
C SER A 121 -11.00 12.92 -18.13
N ALA A 122 -10.34 14.00 -18.53
CA ALA A 122 -11.06 15.26 -18.79
C ALA A 122 -11.47 15.34 -20.26
N LEU A 123 -10.94 14.44 -21.08
CA LEU A 123 -11.28 14.42 -22.50
C LEU A 123 -12.35 13.39 -22.82
N GLY A 124 -12.82 12.69 -21.79
CA GLY A 124 -13.79 11.61 -21.97
C GLY A 124 -13.23 10.32 -22.55
N ILE A 125 -11.90 10.15 -22.47
CA ILE A 125 -11.24 8.97 -23.02
C ILE A 125 -10.91 7.94 -21.95
N LYS A 126 -11.55 6.77 -22.05
CA LYS A 126 -11.36 5.72 -21.07
C LYS A 126 -10.22 4.84 -21.50
N LYS A 127 -9.70 4.03 -20.58
CA LYS A 127 -8.63 3.10 -20.90
C LYS A 127 -9.05 2.17 -22.03
N ARG A 128 -10.33 1.77 -21.99
CA ARG A 128 -10.90 0.81 -22.94
C ARG A 128 -10.96 1.33 -24.36
N ASP A 129 -10.82 2.65 -24.52
CA ASP A 129 -10.82 3.24 -25.85
C ASP A 129 -9.43 3.22 -26.47
N ILE A 130 -8.42 2.78 -25.70
CA ILE A 130 -7.04 2.74 -26.20
C ILE A 130 -6.46 1.33 -26.18
N LEU A 131 -6.87 0.53 -25.21
CA LEU A 131 -6.35 -0.81 -25.03
C LEU A 131 -7.47 -1.83 -25.19
N ASP A 132 -7.13 -3.03 -25.65
CA ASP A 132 -8.12 -4.09 -25.82
C ASP A 132 -7.56 -5.46 -25.47
N SER A 133 -8.19 -6.09 -24.48
CA SER A 133 -7.77 -7.40 -23.96
C SER A 133 -7.54 -8.46 -25.05
N THR A 134 -8.55 -8.60 -25.92
CA THR A 134 -8.55 -9.57 -27.01
C THR A 134 -7.56 -9.24 -28.13
N THR A 135 -7.55 -7.98 -28.56
CA THR A 135 -6.64 -7.54 -29.61
C THR A 135 -5.19 -7.69 -29.15
N ARG A 136 -4.94 -7.21 -27.93
CA ARG A 136 -3.60 -6.92 -27.44
C ARG A 136 -2.97 -5.88 -28.36
N ASP A 137 -3.84 -5.02 -28.91
CA ASP A 137 -3.39 -3.91 -29.72
C ASP A 137 -2.55 -2.99 -28.88
N VAL A 138 -1.39 -2.64 -29.41
CA VAL A 138 -0.49 -1.76 -28.70
C VAL A 138 -0.40 -0.47 -29.53
N SER A 139 -0.95 -0.54 -30.73
CA SER A 139 -0.88 0.53 -31.73
C SER A 139 -1.41 1.91 -31.32
N LYS A 140 -2.58 1.96 -30.68
CA LYS A 140 -3.14 3.24 -30.28
C LYS A 140 -2.42 3.79 -29.05
N MET A 141 -2.02 2.88 -28.16
CA MET A 141 -1.18 3.24 -27.04
C MET A 141 0.07 4.00 -27.49
N LYS A 142 0.85 3.39 -28.38
CA LYS A 142 2.03 4.04 -28.96
C LYS A 142 1.69 5.42 -29.52
N PHE A 143 0.55 5.51 -30.18
CA PHE A 143 0.12 6.75 -30.82
C PHE A 143 -0.10 7.85 -29.77
N TYR A 144 -0.69 7.49 -28.63
CA TYR A 144 -0.98 8.45 -27.56
C TYR A 144 0.26 8.83 -26.73
N MET A 145 1.17 7.87 -26.54
CA MET A 145 2.44 8.19 -25.90
C MET A 145 3.07 9.35 -26.64
N ASP A 146 3.02 9.28 -27.97
CA ASP A 146 3.55 10.34 -28.81
C ASP A 146 2.78 11.64 -28.67
N LYS A 147 1.46 11.56 -28.64
CA LYS A 147 0.67 12.78 -28.62
C LYS A 147 0.79 13.53 -27.29
N TYR A 148 0.66 12.83 -26.17
CA TYR A 148 0.64 13.49 -24.87
C TYR A 148 1.93 13.31 -24.07
N GLY A 149 2.83 12.47 -24.56
CA GLY A 149 4.11 12.27 -23.93
C GLY A 149 4.04 11.71 -22.53
N LEU A 150 5.14 11.85 -21.79
CA LEU A 150 5.24 11.30 -20.45
C LEU A 150 5.25 12.40 -19.42
N ASP A 151 5.50 12.02 -18.16
CA ASP A 151 5.50 12.94 -17.04
C ASP A 151 4.28 13.84 -16.99
N LEU A 152 3.12 13.29 -17.31
CA LEU A 152 1.86 14.02 -17.20
C LEU A 152 1.47 14.11 -15.74
N PRO A 153 0.76 15.18 -15.35
CA PRO A 153 0.46 15.35 -13.92
C PRO A 153 -0.46 14.28 -13.32
N TYR A 154 -0.26 13.98 -12.06
CA TYR A 154 -1.17 13.13 -11.31
C TYR A 154 -2.46 13.89 -11.04
N SER A 155 -3.57 13.17 -11.06
CA SER A 155 -4.84 13.77 -10.68
C SER A 155 -5.15 13.39 -9.24
N THR A 156 -5.41 14.39 -8.41
CA THR A 156 -5.68 14.19 -6.99
C THR A 156 -7.18 14.07 -6.71
N TYR A 157 -7.60 12.91 -6.22
CA TYR A 157 -8.98 12.68 -5.78
C TYR A 157 -8.95 12.32 -4.30
N VAL A 158 -10.08 12.46 -3.63
CA VAL A 158 -10.17 11.98 -2.25
C VAL A 158 -10.72 10.55 -2.24
N LYS A 159 -10.21 9.71 -1.34
CA LYS A 159 -10.59 8.31 -1.35
C LYS A 159 -11.89 8.02 -0.62
N ASP A 160 -12.80 7.36 -1.32
CA ASP A 160 -14.08 6.98 -0.74
C ASP A 160 -13.94 5.64 0.00
N GLU A 161 -13.97 5.71 1.33
CA GLU A 161 -13.69 4.56 2.19
C GLU A 161 -14.15 4.92 3.61
N LEU A 162 -14.27 3.91 4.47
CA LEU A 162 -14.63 4.15 5.86
C LEU A 162 -13.42 4.65 6.62
N ARG A 163 -13.63 5.59 7.53
CA ARG A 163 -12.55 6.05 8.39
C ARG A 163 -13.09 6.20 9.81
N SER A 164 -12.22 5.99 10.79
CA SER A 164 -12.57 6.21 12.18
C SER A 164 -13.05 7.63 12.38
N ILE A 165 -13.98 7.80 13.33
CA ILE A 165 -14.63 9.09 13.57
C ILE A 165 -13.64 10.22 13.85
N ASP A 166 -12.58 9.90 14.57
CA ASP A 166 -11.59 10.92 14.85
C ASP A 166 -11.04 11.56 13.57
N LYS A 167 -10.82 10.74 12.54
CA LYS A 167 -10.29 11.22 11.27
C LYS A 167 -11.34 11.92 10.43
N ILE A 168 -12.61 11.61 10.68
CA ILE A 168 -13.68 12.34 10.01
C ILE A 168 -13.81 13.75 10.59
N LYS A 169 -13.77 13.84 11.92
CA LYS A 169 -13.83 15.13 12.59
C LYS A 169 -12.65 15.99 12.17
N LYS A 170 -11.48 15.38 12.03
CA LYS A 170 -10.27 16.11 11.72
C LYS A 170 -9.93 16.14 10.22
N GLY A 171 -10.94 15.86 9.38
CA GLY A 171 -10.80 15.95 7.94
C GLY A 171 -9.62 15.19 7.35
N LYS A 172 -9.20 14.13 8.01
CA LYS A 172 -8.02 13.42 7.56
C LYS A 172 -8.40 12.25 6.67
N SER A 173 -8.98 12.63 5.53
CA SER A 173 -9.25 11.70 4.44
C SER A 173 -7.95 11.47 3.69
N ARG A 174 -7.90 10.37 2.94
CA ARG A 174 -6.69 10.02 2.21
C ARG A 174 -6.81 10.50 0.78
N LEU A 175 -5.67 10.78 0.18
CA LEU A 175 -5.64 11.29 -1.18
C LEU A 175 -4.99 10.24 -2.06
N ILE A 176 -5.51 10.09 -3.27
CA ILE A 176 -4.88 9.22 -4.22
C ILE A 176 -4.49 10.05 -5.44
N GLU A 177 -3.33 9.74 -6.01
CA GLU A 177 -2.85 10.46 -7.17
C GLU A 177 -3.04 9.62 -8.40
N ALA A 178 -4.08 9.91 -9.18
CA ALA A 178 -4.39 9.08 -10.33
C ALA A 178 -3.39 9.31 -11.45
N SER A 179 -2.62 8.27 -11.73
CA SER A 179 -1.60 8.34 -12.76
C SER A 179 -2.17 8.60 -14.13
N SER A 180 -1.37 9.18 -15.01
CA SER A 180 -1.68 9.08 -16.42
C SER A 180 -1.27 7.72 -16.95
N LEU A 181 -2.14 7.14 -17.76
CA LEU A 181 -1.91 5.86 -18.40
C LEU A 181 -0.55 5.79 -19.09
N ASN A 182 -0.09 6.93 -19.61
CA ASN A 182 1.20 6.98 -20.30
C ASN A 182 2.35 6.62 -19.39
N ASP A 183 2.31 7.13 -18.16
CA ASP A 183 3.39 6.93 -17.21
C ASP A 183 3.35 5.52 -16.66
N SER A 184 2.15 5.05 -16.32
CA SER A 184 1.91 3.65 -16.00
C SER A 184 2.54 2.73 -17.03
N VAL A 185 2.26 2.97 -18.31
CA VAL A 185 2.79 2.08 -19.34
C VAL A 185 4.31 2.06 -19.29
N TYR A 186 4.87 3.26 -19.28
CA TYR A 186 6.31 3.43 -19.38
C TYR A 186 7.03 2.89 -18.15
N LEU A 187 6.45 3.09 -16.97
CA LEU A 187 7.03 2.56 -15.75
C LEU A 187 6.98 1.04 -15.71
N ARG A 188 5.89 0.48 -16.23
CA ARG A 188 5.76 -0.98 -16.33
C ARG A 188 6.77 -1.54 -17.31
N MET A 189 7.04 -0.83 -18.40
CA MET A 189 8.04 -1.28 -19.36
C MET A 189 9.45 -1.26 -18.75
N THR A 190 9.71 -0.23 -17.96
CA THR A 190 11.03 -0.10 -17.35
C THR A 190 11.29 -1.15 -16.26
N PHE A 191 10.25 -1.54 -15.52
CA PHE A 191 10.43 -2.33 -14.30
C PHE A 191 9.53 -3.55 -14.19
N GLY A 192 8.69 -3.81 -15.20
CA GLY A 192 7.85 -5.00 -15.22
C GLY A 192 8.53 -6.30 -14.80
N HIS A 193 9.76 -6.51 -15.22
CA HIS A 193 10.48 -7.70 -14.81
C HIS A 193 10.83 -7.63 -13.32
N LEU A 194 11.11 -6.44 -12.79
CA LEU A 194 11.37 -6.30 -11.37
C LEU A 194 10.10 -6.67 -10.61
N TYR A 195 8.98 -6.11 -11.08
CA TYR A 195 7.64 -6.40 -10.56
C TYR A 195 7.36 -7.89 -10.52
N GLU A 196 7.62 -8.55 -11.64
CA GLU A 196 7.38 -9.99 -11.75
C GLU A 196 8.18 -10.73 -10.71
N THR A 197 9.44 -10.37 -10.56
CA THR A 197 10.31 -11.02 -9.59
C THR A 197 9.79 -10.83 -8.16
N PHE A 198 9.39 -9.61 -7.84
CA PHE A 198 8.89 -9.33 -6.50
C PHE A 198 7.61 -10.10 -6.21
N HIS A 199 6.63 -10.04 -7.11
CA HIS A 199 5.38 -10.80 -6.98
C HIS A 199 5.60 -12.30 -6.83
N ALA A 200 6.54 -12.83 -7.60
CA ALA A 200 6.84 -14.26 -7.54
C ALA A 200 7.62 -14.65 -6.29
N ASN A 201 8.28 -13.67 -5.63
CA ASN A 201 9.09 -13.99 -4.45
C ASN A 201 8.86 -13.21 -3.16
N PRO A 202 7.61 -13.19 -2.65
CA PRO A 202 7.41 -12.56 -1.33
C PRO A 202 8.25 -13.25 -0.29
N GLY A 203 8.77 -12.52 0.70
CA GLY A 203 9.64 -13.10 1.69
C GLY A 203 10.86 -12.25 1.96
N THR A 204 11.88 -12.84 2.60
CA THR A 204 12.97 -12.07 3.16
C THR A 204 14.17 -11.85 2.23
N VAL A 205 14.06 -12.29 0.98
CA VAL A 205 15.08 -11.97 -0.02
C VAL A 205 14.72 -10.65 -0.75
N THR A 206 13.47 -10.56 -1.18
CA THR A 206 12.91 -9.31 -1.66
C THR A 206 12.70 -8.36 -0.49
N GLY A 207 12.56 -8.95 0.69
CA GLY A 207 12.21 -8.18 1.88
C GLY A 207 10.83 -7.58 1.71
N SER A 208 9.99 -8.25 0.90
CA SER A 208 8.65 -7.77 0.58
C SER A 208 7.56 -8.83 0.75
N ALA A 209 6.34 -8.40 1.02
CA ALA A 209 5.21 -9.33 1.13
C ALA A 209 4.20 -9.11 0.01
N VAL A 210 4.56 -8.32 -0.99
CA VAL A 210 3.70 -8.16 -2.14
C VAL A 210 3.67 -9.48 -2.90
N GLY A 211 2.46 -9.98 -3.14
CA GLY A 211 2.29 -11.26 -3.79
C GLY A 211 1.96 -12.39 -2.83
N CYS A 212 2.31 -12.20 -1.57
CA CYS A 212 1.95 -13.11 -0.48
C CYS A 212 0.47 -13.49 -0.37
N ASN A 213 0.17 -14.72 0.07
CA ASN A 213 -1.18 -15.12 0.46
C ASN A 213 -1.20 -15.47 1.94
N PRO A 214 -1.80 -14.59 2.77
CA PRO A 214 -1.77 -14.69 4.23
C PRO A 214 -2.12 -16.10 4.76
N ASP A 215 -3.11 -16.78 4.19
CA ASP A 215 -3.45 -18.15 4.64
C ASP A 215 -2.23 -19.06 4.71
N THR A 216 -1.38 -19.01 3.69
CA THR A 216 -0.18 -19.85 3.61
C THR A 216 1.12 -19.14 4.05
N PHE A 217 1.15 -17.82 3.93
CA PHE A 217 2.35 -17.06 4.23
C PHE A 217 2.57 -16.94 5.74
N TRP A 218 1.48 -16.83 6.50
CA TRP A 218 1.63 -16.63 7.93
C TRP A 218 2.37 -17.84 8.57
N SER A 219 2.29 -19.03 7.98
CA SER A 219 3.07 -20.18 8.52
C SER A 219 4.57 -20.13 8.23
N LYS A 220 4.98 -19.41 7.19
CA LYS A 220 6.41 -19.22 6.90
C LYS A 220 7.10 -18.13 7.74
N LEU A 221 6.36 -17.10 8.11
CA LEU A 221 6.98 -15.92 8.67
C LEU A 221 7.78 -16.19 9.97
N PRO A 222 7.27 -17.07 10.86
CA PRO A 222 8.11 -17.33 12.04
C PRO A 222 9.42 -18.05 11.68
N ILE A 223 9.47 -18.71 10.53
CA ILE A 223 10.70 -19.34 10.05
C ILE A 223 11.56 -18.31 9.30
N LEU A 224 10.89 -17.44 8.56
CA LEU A 224 11.56 -16.38 7.81
C LEU A 224 12.16 -15.36 8.76
N LEU A 225 11.46 -15.11 9.86
CA LEU A 225 11.86 -14.10 10.80
C LEU A 225 12.20 -14.72 12.14
N PRO A 226 13.36 -15.38 12.25
CA PRO A 226 13.76 -16.01 13.51
C PRO A 226 14.29 -14.99 14.51
N GLY A 227 14.27 -15.31 15.79
CA GLY A 227 14.86 -14.41 16.78
C GLY A 227 13.87 -13.40 17.33
N SER A 228 14.35 -12.23 17.72
CA SER A 228 13.51 -11.23 18.38
C SER A 228 12.74 -10.42 17.36
N LEU A 229 11.42 -10.42 17.44
CA LEU A 229 10.63 -9.57 16.56
C LEU A 229 10.81 -8.09 16.88
N PHE A 230 10.67 -7.25 15.87
CA PHE A 230 10.31 -5.87 16.12
C PHE A 230 9.43 -5.39 14.99
N ALA A 231 8.65 -4.36 15.27
CA ALA A 231 7.69 -3.81 14.32
C ALA A 231 7.27 -2.42 14.76
N PHE A 232 6.84 -1.62 13.79
CA PHE A 232 6.20 -0.35 14.09
C PHE A 232 5.39 0.17 12.90
N ASP A 233 4.70 1.28 13.13
CA ASP A 233 3.90 1.98 12.12
C ASP A 233 4.63 3.23 11.63
N TYR A 234 4.31 3.67 10.42
CA TYR A 234 4.65 5.02 10.00
C TYR A 234 3.38 5.88 9.94
N SER A 235 3.46 7.14 10.36
CA SER A 235 2.36 8.08 10.14
C SER A 235 2.59 8.81 8.85
N GLY A 236 1.65 8.69 7.92
CA GLY A 236 1.79 9.33 6.61
C GLY A 236 3.06 9.04 5.83
N TYR A 237 3.46 7.75 5.80
CA TYR A 237 4.68 7.28 5.12
C TYR A 237 4.98 7.95 3.79
N ASP A 238 4.04 7.85 2.86
CA ASP A 238 4.31 8.23 1.48
C ASP A 238 4.75 9.65 1.36
N ALA A 239 4.04 10.52 2.08
CA ALA A 239 4.28 11.95 2.06
C ALA A 239 5.47 12.33 2.95
N SER A 240 5.79 11.48 3.93
CA SER A 240 6.87 11.78 4.86
C SER A 240 8.24 11.51 4.25
N LEU A 241 8.27 10.78 3.14
CA LEU A 241 9.52 10.42 2.50
C LEU A 241 10.24 11.64 1.92
N SER A 242 11.47 11.86 2.36
CA SER A 242 12.31 12.94 1.84
C SER A 242 13.09 12.40 0.64
N PRO A 243 13.45 13.29 -0.32
CA PRO A 243 14.13 12.97 -1.58
C PRO A 243 15.31 12.01 -1.45
N VAL A 244 15.96 12.01 -0.29
CA VAL A 244 17.09 11.14 -0.05
C VAL A 244 16.72 9.66 -0.28
N TRP A 245 15.51 9.28 0.13
CA TRP A 245 15.08 7.91 -0.02
C TRP A 245 14.91 7.53 -1.50
N PHE A 246 14.61 8.52 -2.33
CA PHE A 246 14.55 8.31 -3.77
C PHE A 246 15.92 8.28 -4.37
N ARG A 247 16.82 9.11 -3.85
CA ARG A 247 18.23 9.00 -4.17
C ARG A 247 18.71 7.59 -3.83
N ALA A 248 18.38 7.17 -2.62
CA ALA A 248 18.72 5.84 -2.13
C ALA A 248 18.17 4.73 -3.02
N LEU A 249 16.90 4.88 -3.44
CA LEU A 249 16.27 3.88 -4.29
C LEU A 249 17.08 3.71 -5.58
N GLU A 250 17.45 4.85 -6.17
CA GLU A 250 18.30 4.89 -7.36
C GLU A 250 19.58 4.06 -7.23
N LEU A 251 20.28 4.22 -6.12
CA LEU A 251 21.53 3.50 -5.92
C LEU A 251 21.34 2.01 -5.91
N VAL A 252 20.23 1.56 -5.31
CA VAL A 252 19.90 0.15 -5.34
C VAL A 252 19.69 -0.32 -6.77
N LEU A 253 18.98 0.49 -7.55
CA LEU A 253 18.63 0.07 -8.89
C LEU A 253 19.84 -0.02 -9.79
N ARG A 254 20.71 0.98 -9.67
CA ARG A 254 21.97 1.02 -10.39
C ARG A 254 22.75 -0.25 -10.10
N GLU A 255 22.92 -0.53 -8.81
CA GLU A 255 23.71 -1.67 -8.36
C GLU A 255 23.21 -3.04 -8.79
N ILE A 256 21.92 -3.17 -9.13
CA ILE A 256 21.43 -4.47 -9.56
C ILE A 256 21.37 -4.53 -11.08
N GLY A 257 21.77 -3.43 -11.72
CA GLY A 257 22.04 -3.46 -13.14
C GLY A 257 21.17 -2.64 -14.08
N TYR A 258 20.40 -1.71 -13.55
CA TYR A 258 19.56 -0.88 -14.42
C TYR A 258 20.38 0.20 -15.11
N SER A 259 20.08 0.40 -16.39
CA SER A 259 20.66 1.50 -17.17
C SER A 259 20.33 2.84 -16.56
N GLU A 260 21.13 3.85 -16.88
CA GLU A 260 20.90 5.17 -16.32
C GLU A 260 19.61 5.77 -16.85
N GLU A 261 19.21 5.35 -18.05
CA GLU A 261 17.94 5.83 -18.58
C GLU A 261 16.82 5.27 -17.69
N ALA A 262 16.95 4.01 -17.32
CA ALA A 262 16.01 3.37 -16.41
C ALA A 262 15.98 4.06 -15.05
N VAL A 263 17.16 4.25 -14.46
CA VAL A 263 17.29 4.86 -13.13
C VAL A 263 16.73 6.28 -13.13
N SER A 264 16.84 6.98 -14.26
CA SER A 264 16.44 8.39 -14.33
C SER A 264 14.96 8.57 -14.02
N LEU A 265 14.18 7.51 -14.20
CA LEU A 265 12.75 7.61 -13.97
C LEU A 265 12.38 7.83 -12.51
N VAL A 266 13.29 7.50 -11.58
CA VAL A 266 12.99 7.69 -10.16
C VAL A 266 12.73 9.16 -9.84
N GLU A 267 13.54 10.06 -10.40
CA GLU A 267 13.41 11.49 -10.12
C GLU A 267 12.06 12.04 -10.56
N GLY A 268 11.43 11.36 -11.52
CA GLY A 268 10.09 11.70 -11.99
C GLY A 268 8.95 11.20 -11.13
N ILE A 269 9.25 10.52 -10.02
CA ILE A 269 8.22 10.29 -9.01
C ILE A 269 8.60 10.99 -7.70
N ASN A 270 9.88 11.30 -7.54
CA ASN A 270 10.33 12.11 -6.42
C ASN A 270 9.85 13.56 -6.54
N HIS A 271 9.81 14.03 -7.78
CA HIS A 271 9.37 15.40 -8.08
C HIS A 271 8.16 15.32 -9.02
N THR A 272 6.96 15.53 -8.47
CA THR A 272 5.76 15.38 -9.30
C THR A 272 4.84 16.61 -9.27
N HIS A 273 3.99 16.67 -10.29
CA HIS A 273 2.98 17.72 -10.37
C HIS A 273 1.60 17.08 -10.32
N HIS A 274 0.69 17.76 -9.64
CA HIS A 274 -0.63 17.21 -9.37
C HIS A 274 -1.70 18.24 -9.65
N VAL A 275 -2.79 17.80 -10.26
CA VAL A 275 -3.96 18.66 -10.36
C VAL A 275 -5.04 18.21 -9.38
N TYR A 276 -5.29 19.06 -8.39
CA TYR A 276 -6.43 18.89 -7.52
C TYR A 276 -7.39 20.03 -7.78
N ARG A 277 -8.56 19.67 -8.33
CA ARG A 277 -9.62 20.62 -8.61
C ARG A 277 -9.21 21.63 -9.69
N ASN A 278 -9.07 22.90 -9.32
CA ASN A 278 -8.76 23.94 -10.29
C ASN A 278 -7.32 24.41 -10.23
N LYS A 279 -6.47 23.67 -9.52
CA LYS A 279 -5.11 24.11 -9.24
C LYS A 279 -4.05 23.09 -9.63
N THR A 280 -2.83 23.59 -9.82
CA THR A 280 -1.69 22.73 -10.03
C THR A 280 -0.70 22.96 -8.91
N TYR A 281 -0.13 21.88 -8.38
CA TYR A 281 0.85 22.01 -7.32
C TYR A 281 2.00 21.05 -7.54
N CYS A 282 3.15 21.37 -6.95
CA CYS A 282 4.38 20.64 -7.19
C CYS A 282 4.77 19.99 -5.86
N VAL A 283 5.16 18.72 -5.90
CA VAL A 283 5.56 18.01 -4.68
C VAL A 283 6.99 17.51 -4.78
N LEU A 284 7.80 17.87 -3.81
CA LEU A 284 9.18 17.40 -3.81
C LEU A 284 9.36 16.42 -2.67
N GLY A 285 9.94 15.26 -2.96
CA GLY A 285 9.88 14.15 -2.02
C GLY A 285 8.48 13.53 -2.06
N GLY A 286 8.29 12.48 -1.29
CA GLY A 286 6.98 11.87 -1.19
C GLY A 286 6.61 10.95 -2.34
N MET A 287 6.23 9.73 -1.99
CA MET A 287 5.74 8.79 -2.99
C MET A 287 4.35 9.24 -3.47
N PRO A 288 4.20 9.50 -4.79
CA PRO A 288 2.91 9.84 -5.39
C PRO A 288 2.04 8.60 -5.43
N SER A 289 1.32 8.37 -4.35
CA SER A 289 0.65 7.08 -4.16
C SER A 289 -0.52 6.91 -5.12
N GLY A 290 -0.33 6.04 -6.11
CA GLY A 290 -1.18 5.97 -7.28
C GLY A 290 -0.34 5.73 -8.54
N CYS A 291 0.97 5.89 -8.41
CA CYS A 291 1.89 5.63 -9.52
C CYS A 291 2.17 4.13 -9.63
N SER A 292 2.42 3.67 -10.84
CA SER A 292 2.93 2.31 -11.01
C SER A 292 4.12 2.07 -10.07
N GLY A 293 4.14 0.91 -9.43
CA GLY A 293 5.25 0.52 -8.56
C GLY A 293 5.17 1.01 -7.13
N THR A 294 4.08 1.70 -6.79
CA THR A 294 3.90 2.31 -5.48
C THR A 294 4.26 1.35 -4.35
N SER A 295 3.60 0.21 -4.34
CA SER A 295 3.80 -0.80 -3.30
C SER A 295 5.21 -1.34 -3.25
N ILE A 296 5.75 -1.63 -4.41
CA ILE A 296 7.06 -2.25 -4.47
C ILE A 296 8.15 -1.25 -4.09
N PHE A 297 8.05 -0.03 -4.62
CA PHE A 297 9.04 0.99 -4.27
C PHE A 297 8.95 1.40 -2.81
N ASN A 298 7.74 1.56 -2.28
CA ASN A 298 7.58 1.77 -0.84
C ASN A 298 8.25 0.66 -0.02
N SER A 299 8.11 -0.58 -0.49
CA SER A 299 8.64 -1.72 0.22
C SER A 299 10.16 -1.70 0.16
N MET A 300 10.67 -1.28 -0.99
CA MET A 300 12.10 -1.24 -1.23
C MET A 300 12.71 -0.13 -0.41
N ILE A 301 12.08 1.04 -0.47
CA ILE A 301 12.54 2.16 0.32
C ILE A 301 12.49 1.76 1.78
N ASN A 302 11.43 1.08 2.18
CA ASN A 302 11.31 0.69 3.57
C ASN A 302 12.50 -0.17 3.96
N ASN A 303 12.90 -1.10 3.10
CA ASN A 303 14.05 -1.93 3.39
C ASN A 303 15.32 -1.07 3.56
N ILE A 304 15.44 -0.03 2.75
CA ILE A 304 16.58 0.83 2.88
C ILE A 304 16.48 1.57 4.21
N ILE A 305 15.29 2.09 4.50
CA ILE A 305 15.09 2.81 5.73
C ILE A 305 15.50 1.99 6.95
N ILE A 306 15.03 0.75 7.06
CA ILE A 306 15.26 -0.03 8.27
C ILE A 306 16.73 -0.25 8.52
N ARG A 307 17.44 -0.68 7.50
CA ARG A 307 18.89 -0.90 7.61
C ARG A 307 19.62 0.38 8.06
N ALA A 308 19.31 1.51 7.44
CA ALA A 308 20.01 2.75 7.74
C ALA A 308 19.75 3.15 9.18
N LEU A 309 18.51 3.01 9.64
CA LEU A 309 18.18 3.34 11.03
C LEU A 309 18.94 2.43 11.97
N LEU A 310 19.06 1.14 11.65
CA LEU A 310 19.70 0.21 12.57
C LEU A 310 21.18 0.51 12.75
N ILE A 311 21.91 0.79 11.66
CA ILE A 311 23.36 0.96 11.79
C ILE A 311 23.73 2.37 12.24
N LYS A 312 22.74 3.25 12.30
CA LYS A 312 22.96 4.60 12.76
C LYS A 312 22.57 4.69 14.23
N THR A 313 21.60 3.89 14.63
CA THR A 313 21.07 3.98 15.96
C THR A 313 21.88 3.11 16.90
N PHE A 314 22.44 2.04 16.36
CA PHE A 314 23.14 1.10 17.22
C PHE A 314 24.56 0.78 16.75
N LYS A 315 25.37 0.37 17.73
CA LYS A 315 26.74 -0.04 17.51
C LYS A 315 26.78 -1.54 17.27
N GLY A 316 27.59 -1.99 16.33
CA GLY A 316 27.82 -3.41 16.17
C GLY A 316 26.67 -4.19 15.53
N ILE A 317 25.87 -3.49 14.73
CA ILE A 317 24.81 -4.15 13.99
C ILE A 317 25.41 -5.03 12.88
N ASP A 318 24.91 -6.25 12.77
CA ASP A 318 25.22 -7.06 11.61
C ASP A 318 23.99 -7.11 10.71
N LEU A 319 24.01 -6.39 9.59
CA LEU A 319 22.83 -6.32 8.73
C LEU A 319 22.48 -7.71 8.19
N ASP A 320 23.47 -8.59 8.09
CA ASP A 320 23.24 -9.94 7.59
C ASP A 320 22.37 -10.77 8.52
N GLU A 321 22.15 -10.27 9.73
CA GLU A 321 21.37 -10.99 10.72
C GLU A 321 20.00 -10.36 10.84
N LEU A 322 19.81 -9.30 10.05
CA LEU A 322 18.49 -8.69 9.87
C LEU A 322 17.61 -9.52 8.94
N ASN A 323 16.41 -9.82 9.42
CA ASN A 323 15.33 -10.31 8.57
C ASN A 323 14.16 -9.39 8.66
N MET A 324 13.59 -9.06 7.52
CA MET A 324 12.41 -8.22 7.49
C MET A 324 11.58 -8.48 6.24
N VAL A 325 10.28 -8.25 6.40
CA VAL A 325 9.34 -8.32 5.31
C VAL A 325 8.57 -7.04 5.38
N ALA A 326 8.46 -6.33 4.27
CA ALA A 326 7.72 -5.08 4.22
C ALA A 326 6.56 -5.17 3.22
N TYR A 327 5.46 -4.51 3.53
CA TYR A 327 4.42 -4.30 2.53
C TYR A 327 4.12 -2.83 2.56
N GLY A 328 4.71 -2.09 1.61
CA GLY A 328 4.70 -0.63 1.69
C GLY A 328 5.38 -0.18 2.98
N ASP A 329 4.63 0.48 3.86
CA ASP A 329 5.19 0.91 5.14
C ASP A 329 4.98 -0.10 6.28
N ASP A 330 4.07 -1.05 6.06
CA ASP A 330 3.88 -2.14 7.01
C ASP A 330 5.17 -2.99 7.14
N VAL A 331 5.73 -3.09 8.33
CA VAL A 331 6.94 -3.89 8.53
C VAL A 331 6.77 -4.96 9.60
N LEU A 332 7.32 -6.15 9.35
CA LEU A 332 7.60 -7.11 10.41
C LEU A 332 9.05 -7.52 10.22
N ALA A 333 9.83 -7.48 11.31
CA ALA A 333 11.27 -7.81 11.24
C ALA A 333 11.81 -8.61 12.45
N SER A 334 13.00 -9.17 12.29
CA SER A 334 13.64 -9.87 13.40
C SER A 334 15.13 -9.64 13.37
N TYR A 335 15.78 -9.96 14.49
CA TYR A 335 17.21 -9.79 14.70
C TYR A 335 17.59 -10.67 15.91
N PRO A 336 18.88 -11.09 16.00
CA PRO A 336 19.09 -12.06 17.09
C PRO A 336 19.00 -11.44 18.49
N PHE A 337 19.03 -10.13 18.57
CA PHE A 337 18.90 -9.47 19.85
C PHE A 337 17.80 -8.45 19.73
N PRO A 338 16.97 -8.29 20.79
CA PRO A 338 15.84 -7.36 20.73
C PRO A 338 16.26 -5.93 20.42
N ILE A 339 15.49 -5.30 19.55
CA ILE A 339 15.80 -4.02 18.96
C ILE A 339 14.93 -2.98 19.61
N ASP A 340 15.50 -1.96 20.24
CA ASP A 340 14.62 -1.00 20.87
C ASP A 340 14.13 -0.02 19.82
N CYS A 341 12.82 -0.03 19.61
CA CYS A 341 12.24 0.76 18.54
C CYS A 341 12.10 2.23 18.91
N LEU A 342 11.93 2.55 20.19
CA LEU A 342 11.92 3.96 20.63
C LEU A 342 13.13 4.72 20.09
N GLU A 343 14.28 4.05 20.08
CA GLU A 343 15.50 4.65 19.56
C GLU A 343 15.53 4.72 18.03
N LEU A 344 15.08 3.65 17.36
CA LEU A 344 14.91 3.70 15.91
C LEU A 344 14.02 4.88 15.54
N ALA A 345 12.96 5.06 16.32
CA ALA A 345 12.02 6.15 16.10
C ALA A 345 12.70 7.52 16.28
N ARG A 346 13.51 7.66 17.32
CA ARG A 346 14.22 8.92 17.50
C ARG A 346 15.04 9.20 16.25
N THR A 347 15.72 8.17 15.75
CA THR A 347 16.57 8.36 14.57
C THR A 347 15.77 8.69 13.32
N GLY A 348 14.64 8.02 13.15
CA GLY A 348 13.75 8.28 12.03
C GLY A 348 13.25 9.71 11.96
N LYS A 349 12.93 10.29 13.12
CA LYS A 349 12.51 11.68 13.19
C LYS A 349 13.50 12.61 12.48
N GLU A 350 14.78 12.42 12.75
CA GLU A 350 15.86 13.16 12.09
C GLU A 350 15.79 13.06 10.57
N TYR A 351 15.17 11.98 10.09
CA TYR A 351 15.03 11.75 8.66
C TYR A 351 13.66 12.19 8.12
N GLY A 352 12.80 12.73 8.97
CA GLY A 352 11.51 13.21 8.51
C GLY A 352 10.41 12.18 8.63
N LEU A 353 10.79 10.99 9.09
CA LEU A 353 9.86 9.89 9.29
C LEU A 353 9.22 9.92 10.69
N THR A 354 7.92 9.64 10.75
CA THR A 354 7.24 9.54 12.03
C THR A 354 6.85 8.08 12.29
N MET A 355 7.40 7.53 13.36
CA MET A 355 7.27 6.09 13.63
C MET A 355 6.63 5.87 15.00
N THR A 356 5.62 5.00 15.04
CA THR A 356 4.73 4.87 16.19
C THR A 356 4.63 3.40 16.63
N PRO A 357 4.29 3.15 17.91
CA PRO A 357 4.27 1.78 18.46
C PRO A 357 3.36 0.86 17.68
N ALA A 358 3.75 -0.39 17.51
CA ALA A 358 2.96 -1.37 16.74
C ALA A 358 1.49 -1.36 17.16
N ASP A 359 0.62 -1.20 16.17
CA ASP A 359 -0.83 -1.14 16.35
C ASP A 359 -1.37 0.10 17.04
N LYS A 360 -0.61 1.20 17.05
CA LYS A 360 -0.99 2.37 17.84
C LYS A 360 -1.29 2.00 19.31
N SER A 361 -0.30 1.36 19.93
CA SER A 361 -0.19 1.25 21.38
C SER A 361 0.17 2.62 21.91
N PRO A 362 0.10 2.82 23.24
CA PRO A 362 0.51 4.15 23.72
C PRO A 362 2.03 4.34 23.65
N CYS A 363 2.75 3.23 23.82
CA CYS A 363 4.20 3.21 23.90
C CYS A 363 4.78 2.00 23.17
N PHE A 364 6.09 2.05 22.94
CA PHE A 364 6.80 0.94 22.33
C PHE A 364 6.95 -0.22 23.30
N ASN A 365 6.24 -1.30 23.02
CA ASN A 365 6.33 -2.51 23.85
C ASN A 365 7.03 -3.64 23.12
N GLU A 366 7.26 -4.73 23.83
CA GLU A 366 7.79 -5.91 23.19
C GLU A 366 6.81 -6.45 22.15
N VAL A 367 7.32 -6.80 20.98
CA VAL A 367 6.53 -7.46 19.96
C VAL A 367 6.89 -8.93 19.92
N ASN A 368 5.88 -9.79 20.04
CA ASN A 368 6.04 -11.23 19.91
C ASN A 368 4.95 -11.79 19.01
N TRP A 369 5.04 -13.08 18.66
CA TRP A 369 4.05 -13.67 17.75
C TRP A 369 2.66 -13.62 18.36
N ASP A 370 2.58 -13.58 19.68
CA ASP A 370 1.27 -13.51 20.31
C ASP A 370 0.63 -12.15 20.19
N ASN A 371 1.41 -11.09 19.98
CA ASN A 371 0.80 -9.77 19.79
C ASN A 371 1.21 -9.06 18.49
N ALA A 372 2.03 -9.69 17.65
CA ALA A 372 2.39 -9.11 16.37
C ALA A 372 1.20 -9.04 15.39
N THR A 373 1.23 -8.02 14.54
CA THR A 373 0.31 -7.88 13.44
C THR A 373 1.08 -7.52 12.18
N PHE A 374 0.52 -7.89 11.04
CA PHE A 374 1.08 -7.57 9.73
C PHE A 374 -0.16 -7.61 8.81
N LEU A 375 -0.29 -6.62 7.94
CA LEU A 375 -1.47 -6.48 7.08
C LEU A 375 -2.76 -6.60 7.90
N LYS A 376 -2.75 -5.94 9.06
CA LYS A 376 -3.82 -5.97 10.06
C LYS A 376 -4.07 -7.36 10.69
N ARG A 377 -3.34 -8.39 10.31
CA ARG A 377 -3.64 -9.70 10.88
C ARG A 377 -2.71 -10.11 12.02
N GLY A 378 -3.30 -10.75 13.01
CA GLY A 378 -2.55 -11.39 14.07
C GLY A 378 -2.07 -12.75 13.59
N PHE A 379 -1.38 -13.44 14.50
CA PHE A 379 -0.76 -14.73 14.25
C PHE A 379 -1.24 -15.70 15.32
N LEU A 380 -1.99 -16.73 14.93
CA LEU A 380 -2.55 -17.65 15.90
C LEU A 380 -2.28 -19.11 15.50
N PRO A 381 -1.47 -19.81 16.30
CA PRO A 381 -1.17 -21.18 15.92
C PRO A 381 -2.44 -22.02 16.01
N ASP A 382 -2.61 -22.87 15.01
CA ASP A 382 -3.68 -23.82 14.99
C ASP A 382 -3.55 -24.78 16.18
N GLU A 383 -4.65 -25.03 16.87
CA GLU A 383 -4.64 -25.81 18.09
C GLU A 383 -4.23 -27.23 17.80
N GLN A 384 -4.59 -27.73 16.62
CA GLN A 384 -4.27 -29.10 16.27
C GLN A 384 -2.87 -29.24 15.68
N PHE A 385 -2.55 -28.40 14.70
CA PHE A 385 -1.19 -28.38 14.14
C PHE A 385 -0.52 -27.05 14.42
N PRO A 386 0.27 -26.98 15.50
CA PRO A 386 0.80 -25.68 15.98
C PRO A 386 1.84 -25.06 15.03
N PHE A 387 2.31 -25.79 14.03
CA PHE A 387 3.24 -25.20 13.08
C PHE A 387 2.50 -24.52 11.94
N LEU A 388 1.19 -24.75 11.86
CA LEU A 388 0.34 -24.05 10.90
C LEU A 388 -0.25 -22.81 11.57
N ILE A 389 -0.01 -21.63 10.99
CA ILE A 389 -0.36 -20.36 11.64
C ILE A 389 -1.55 -19.63 10.99
N HIS A 390 -2.60 -19.37 11.78
CA HIS A 390 -3.72 -18.60 11.29
C HIS A 390 -3.35 -17.11 11.20
N PRO A 391 -3.73 -16.46 10.10
CA PRO A 391 -3.73 -15.00 10.09
C PRO A 391 -5.05 -14.54 10.68
N THR A 392 -5.02 -13.78 11.77
CA THR A 392 -6.27 -13.41 12.40
C THR A 392 -6.63 -11.94 12.23
N MET A 393 -7.48 -11.69 11.25
CA MET A 393 -8.17 -10.42 11.13
C MET A 393 -9.15 -10.25 12.29
N PRO A 394 -8.97 -9.20 13.08
CA PRO A 394 -9.84 -8.98 14.25
C PRO A 394 -11.31 -8.76 13.89
N MET A 395 -12.18 -9.38 14.68
CA MET A 395 -13.61 -9.36 14.39
C MET A 395 -14.15 -7.92 14.37
N LYS A 396 -13.51 -7.04 15.15
CA LYS A 396 -13.93 -5.63 15.21
C LYS A 396 -13.80 -4.97 13.84
N GLU A 397 -12.64 -5.17 13.22
CA GLU A 397 -12.43 -4.80 11.83
C GLU A 397 -13.47 -5.37 10.87
N ILE A 398 -13.69 -6.68 10.94
CA ILE A 398 -14.68 -7.35 10.11
C ILE A 398 -16.05 -6.71 10.36
N HIS A 399 -16.34 -6.36 11.62
CA HIS A 399 -17.59 -5.68 11.95
C HIS A 399 -17.73 -4.33 11.27
N GLU A 400 -16.63 -3.61 11.10
CA GLU A 400 -16.72 -2.30 10.46
C GLU A 400 -17.17 -2.45 9.01
N SER A 401 -16.56 -3.40 8.29
CA SER A 401 -16.83 -3.61 6.88
C SER A 401 -18.28 -3.94 6.61
N ILE A 402 -18.84 -4.83 7.42
CA ILE A 402 -20.13 -5.44 7.11
C ILE A 402 -21.28 -4.45 7.32
N ARG A 403 -21.05 -3.39 8.10
CA ARG A 403 -22.11 -2.42 8.42
C ARG A 403 -22.42 -1.43 7.30
N TRP A 404 -21.67 -1.50 6.22
CA TRP A 404 -21.85 -0.60 5.10
C TRP A 404 -21.80 -1.37 3.80
N THR A 405 -22.33 -0.76 2.74
CA THR A 405 -22.13 -1.30 1.40
C THR A 405 -22.10 -0.15 0.42
N LYS A 406 -21.58 -0.40 -0.78
CA LYS A 406 -21.57 0.60 -1.84
C LYS A 406 -22.60 0.21 -2.88
N ASP A 407 -23.10 -1.02 -2.75
CA ASP A 407 -24.16 -1.57 -3.58
C ASP A 407 -24.68 -2.87 -2.95
N ALA A 408 -25.88 -2.81 -2.35
CA ALA A 408 -26.42 -3.94 -1.61
C ALA A 408 -26.68 -5.15 -2.52
N ARG A 409 -26.65 -4.94 -3.84
CA ARG A 409 -26.74 -6.03 -4.79
C ARG A 409 -25.76 -7.15 -4.49
N ASN A 410 -24.57 -6.81 -4.02
CA ASN A 410 -23.52 -7.81 -3.89
C ASN A 410 -23.28 -8.29 -2.47
N THR A 411 -24.23 -7.98 -1.59
CA THR A 411 -24.26 -8.43 -0.19
C THR A 411 -23.72 -9.85 0.03
N GLN A 412 -24.23 -10.79 -0.74
CA GLN A 412 -23.83 -12.17 -0.62
C GLN A 412 -22.30 -12.26 -0.68
N ASP A 413 -21.71 -11.72 -1.75
CA ASP A 413 -20.26 -11.76 -1.96
C ASP A 413 -19.49 -11.10 -0.81
N HIS A 414 -20.01 -9.97 -0.37
CA HIS A 414 -19.42 -9.23 0.71
C HIS A 414 -19.37 -10.05 2.00
N VAL A 415 -20.51 -10.61 2.43
CA VAL A 415 -20.52 -11.39 3.66
C VAL A 415 -19.67 -12.67 3.52
N ARG A 416 -19.68 -13.28 2.35
CA ARG A 416 -18.86 -14.46 2.14
C ARG A 416 -17.38 -14.11 2.37
N SER A 417 -16.94 -13.01 1.76
CA SER A 417 -15.55 -12.58 1.88
C SER A 417 -15.16 -12.36 3.34
N LEU A 418 -16.04 -11.72 4.10
CA LEU A 418 -15.79 -11.50 5.51
C LEU A 418 -15.63 -12.82 6.28
N CYS A 419 -16.54 -13.77 6.03
CA CYS A 419 -16.46 -15.12 6.61
C CYS A 419 -15.14 -15.80 6.29
N LEU A 420 -14.65 -15.60 5.06
CA LEU A 420 -13.36 -16.18 4.70
C LEU A 420 -12.22 -15.58 5.56
N LEU A 421 -12.44 -14.36 6.04
CA LEU A 421 -11.49 -13.67 6.88
C LEU A 421 -11.74 -14.02 8.35
N ALA A 422 -13.00 -14.25 8.72
CA ALA A 422 -13.38 -14.36 10.14
C ALA A 422 -13.07 -15.71 10.78
N TRP A 423 -13.11 -16.79 9.98
CA TRP A 423 -13.10 -18.13 10.56
C TRP A 423 -11.77 -18.43 11.24
N HIS A 424 -10.73 -17.74 10.79
CA HIS A 424 -9.39 -17.91 11.35
C HIS A 424 -9.36 -17.65 12.84
N ASN A 425 -10.24 -16.75 13.29
CA ASN A 425 -10.38 -16.43 14.70
C ASN A 425 -10.96 -17.55 15.55
N GLY A 426 -11.40 -18.64 14.91
CA GLY A 426 -11.89 -19.78 15.66
C GLY A 426 -13.38 -20.07 15.52
N LYS A 427 -13.73 -21.32 15.84
CA LYS A 427 -15.10 -21.84 15.82
C LYS A 427 -16.10 -21.01 16.61
N GLN A 428 -15.76 -20.72 17.86
CA GLN A 428 -16.67 -20.03 18.74
C GLN A 428 -16.96 -18.60 18.24
N GLU A 429 -15.90 -17.87 17.92
CA GLU A 429 -16.07 -16.51 17.39
C GLU A 429 -16.80 -16.54 16.07
N TYR A 430 -16.45 -17.50 15.20
CA TYR A 430 -17.07 -17.63 13.87
C TYR A 430 -18.57 -17.88 13.92
N GLU A 431 -19.01 -18.81 14.77
CA GLU A 431 -20.45 -19.10 14.82
C GLU A 431 -21.21 -17.91 15.42
N LYS A 432 -20.58 -17.21 16.35
CA LYS A 432 -21.13 -15.99 16.90
C LYS A 432 -21.38 -14.95 15.79
N PHE A 433 -20.43 -14.83 14.89
CA PHE A 433 -20.52 -13.89 13.79
C PHE A 433 -21.64 -14.33 12.84
N VAL A 434 -21.75 -15.63 12.61
CA VAL A 434 -22.77 -16.18 11.73
C VAL A 434 -24.17 -16.03 12.32
N SER A 435 -24.30 -16.37 13.59
CA SER A 435 -25.59 -16.32 14.25
C SER A 435 -26.14 -14.90 14.33
N ALA A 436 -25.23 -13.93 14.43
CA ALA A 436 -25.62 -12.53 14.40
C ALA A 436 -26.02 -12.13 12.99
N ILE A 437 -25.33 -12.68 11.99
CA ILE A 437 -25.70 -12.40 10.60
C ILE A 437 -27.09 -12.96 10.31
N ARG A 438 -27.39 -14.14 10.91
CA ARG A 438 -28.66 -14.85 10.76
C ARG A 438 -29.81 -14.14 11.45
N SER A 439 -29.47 -13.32 12.45
CA SER A 439 -30.48 -12.64 13.26
C SER A 439 -31.32 -11.61 12.48
N VAL A 440 -31.14 -11.55 11.17
CA VAL A 440 -31.75 -10.50 10.38
C VAL A 440 -32.23 -11.12 9.06
N PRO A 441 -33.36 -10.64 8.50
CA PRO A 441 -33.99 -11.32 7.38
C PRO A 441 -33.11 -11.57 6.15
N VAL A 442 -32.39 -10.56 5.70
CA VAL A 442 -31.50 -10.73 4.57
C VAL A 442 -30.44 -11.79 4.89
N GLY A 443 -29.98 -11.80 6.14
CA GLY A 443 -28.98 -12.73 6.60
C GLY A 443 -29.37 -14.19 6.44
N LYS A 444 -30.65 -14.47 6.65
CA LYS A 444 -31.20 -15.82 6.47
C LYS A 444 -31.35 -16.19 5.00
N ALA A 445 -31.15 -15.22 4.11
CA ALA A 445 -31.18 -15.52 2.68
C ALA A 445 -29.79 -15.81 2.10
N LEU A 446 -28.76 -15.84 2.95
CA LEU A 446 -27.37 -15.90 2.45
C LEU A 446 -26.71 -17.26 2.62
N ALA A 447 -25.95 -17.67 1.61
CA ALA A 447 -25.10 -18.83 1.76
C ALA A 447 -23.87 -18.46 2.57
N ILE A 448 -23.80 -18.97 3.80
CA ILE A 448 -22.63 -18.79 4.63
C ILE A 448 -21.81 -20.08 4.70
N PRO A 449 -20.50 -19.97 4.40
CA PRO A 449 -19.54 -21.07 4.41
C PRO A 449 -19.61 -21.83 5.73
N ASN A 450 -19.56 -23.15 5.66
CA ASN A 450 -19.51 -23.97 6.85
C ASN A 450 -18.10 -23.96 7.44
N TYR A 451 -18.00 -23.82 8.76
CA TYR A 451 -16.68 -23.69 9.39
C TYR A 451 -15.71 -24.81 9.03
N GLU A 452 -16.13 -26.07 9.20
CA GLU A 452 -15.22 -27.21 9.05
C GLU A 452 -14.78 -27.42 7.61
N ASN A 453 -15.63 -27.01 6.68
CA ASN A 453 -15.22 -26.97 5.28
C ASN A 453 -14.11 -25.95 5.09
N LEU A 454 -14.24 -24.80 5.75
CA LEU A 454 -13.25 -23.72 5.67
C LEU A 454 -11.94 -24.24 6.22
N ARG A 455 -12.00 -24.86 7.39
CA ARG A 455 -10.81 -25.41 8.01
C ARG A 455 -10.16 -26.48 7.15
N ARG A 456 -10.94 -27.42 6.67
CA ARG A 456 -10.36 -28.50 5.90
C ARG A 456 -9.87 -27.99 4.55
N ASN A 457 -10.48 -26.96 4.00
CA ASN A 457 -9.90 -26.39 2.81
C ASN A 457 -8.59 -25.65 3.12
N TRP A 458 -8.52 -25.09 4.32
CA TRP A 458 -7.29 -24.48 4.77
C TRP A 458 -6.16 -25.52 4.85
N LEU A 459 -6.40 -26.60 5.60
CA LEU A 459 -5.40 -27.65 5.77
C LEU A 459 -4.88 -28.23 4.46
N GLU A 460 -5.79 -28.43 3.51
CA GLU A 460 -5.42 -28.97 2.21
C GLU A 460 -4.45 -28.07 1.41
N LEU A 461 -4.40 -26.79 1.74
CA LEU A 461 -3.41 -25.90 1.12
C LEU A 461 -1.98 -26.34 1.41
N PHE A 462 -1.81 -27.05 2.52
CA PHE A 462 -0.48 -27.54 2.85
C PHE A 462 -0.33 -28.99 2.43
#